data_3IJ0
#
_entry.id   3IJ0
#
_cell.length_a   57.583
_cell.length_b   85.087
_cell.length_c   91.266
_cell.angle_alpha   90.00
_cell.angle_beta   90.00
_cell.angle_gamma   90.00
#
_symmetry.space_group_name_H-M   'P 21 21 21'
#
loop_
_entity.id
_entity.type
_entity.pdbx_description
1 polymer 'Polycomb protein EED'
2 polymer 'Histone H3K9 peptide'
3 water water
#
loop_
_entity_poly.entity_id
_entity_poly.type
_entity_poly.pdbx_seq_one_letter_code
_entity_poly.pdbx_strand_id
1 'polypeptide(L)'
;KCKYSFKCVNSLKEDHNQPLFGVQFNWHSKEGDPLVFATVGSNRVTLYECHSQGEIRLLQSYVDADADENFYTCAWTYDS
NTSHPLLAVAGSRGIIRIINPITMQCIKHYVGHGNAINELKFHPRDPNLLLSVSKDHALRLWNIQTDTLVAIFGGVEGHR
DEVLSADYDLLGEKIMSCGMDHSLKLWRINSKRMMNAIKESYDYNPNKTNRPFISQKIHFPDFSTRDIHRNYVDCVRWLG
DLILSKSCENAIVCWKPGKMEDDIDKIKPSESNVTILGRFDYSQCDIWYMRFSTDFWQKMLALGNQVGKLYVWDLEVEDP
HKAKCTTLTHHKCGAAIRQTSFSRDSSILIAVCDDASIWRWDRLR
;
A
2 'polypeptide(L)' KQTAR(M3L)STGGK B
#
# COMPACT_ATOMS: atom_id res chain seq x y z
N SER A 5 -9.57 22.39 7.47
CA SER A 5 -8.79 22.57 8.72
C SER A 5 -8.58 21.22 9.45
N PHE A 6 -7.33 20.79 9.53
CA PHE A 6 -6.97 19.72 10.46
C PHE A 6 -6.29 20.32 11.68
N LYS A 7 -6.70 19.87 12.85
CA LYS A 7 -6.05 20.24 14.11
C LYS A 7 -5.56 18.98 14.80
N CYS A 8 -4.39 19.08 15.43
CA CYS A 8 -3.83 17.94 16.14
C CYS A 8 -4.49 17.79 17.51
N VAL A 9 -5.12 16.65 17.75
CA VAL A 9 -5.96 16.44 18.94
C VAL A 9 -5.39 15.44 19.96
N ASN A 10 -4.38 14.67 19.55
CA ASN A 10 -3.77 13.65 20.41
C ASN A 10 -2.54 13.04 19.76
N SER A 11 -1.67 12.44 20.58
CA SER A 11 -0.57 11.61 20.11
C SER A 11 -0.23 10.60 21.19
N LEU A 12 0.44 9.51 20.80
CA LEU A 12 0.94 8.53 21.77
C LEU A 12 2.19 7.83 21.24
N LYS A 13 2.77 6.95 22.05
CA LYS A 13 3.95 6.20 21.68
C LYS A 13 3.82 4.72 22.08
N GLU A 14 4.04 3.82 21.13
CA GLU A 14 4.09 2.38 21.42
C GLU A 14 5.38 2.00 22.14
N ASP A 15 5.30 0.96 22.98
CA ASP A 15 6.33 0.65 23.98
C ASP A 15 7.67 0.11 23.44
N HIS A 16 7.69 -0.32 22.18
CA HIS A 16 8.86 -0.99 21.60
C HIS A 16 9.92 -0.02 21.07
N ASN A 17 9.53 1.24 20.85
CA ASN A 17 10.43 2.28 20.31
C ASN A 17 11.03 2.03 18.93
N GLN A 18 10.46 1.10 18.17
CA GLN A 18 10.89 0.84 16.79
C GLN A 18 10.03 1.65 15.83
N PRO A 19 10.49 1.84 14.58
CA PRO A 19 9.64 2.50 13.60
C PRO A 19 8.26 1.85 13.37
N LEU A 20 7.24 2.69 13.34
CA LEU A 20 5.95 2.31 12.82
C LEU A 20 6.01 2.51 11.32
N PHE A 21 6.05 1.40 10.58
CA PHE A 21 6.25 1.45 9.15
C PHE A 21 4.95 1.60 8.39
N GLY A 22 3.83 1.37 9.06
CA GLY A 22 2.55 1.40 8.37
C GLY A 22 1.38 1.68 9.27
N VAL A 23 0.33 2.22 8.67
CA VAL A 23 -0.95 2.47 9.34
C VAL A 23 -2.07 2.36 8.32
N GLN A 24 -3.15 1.67 8.68
CA GLN A 24 -4.32 1.58 7.82
C GLN A 24 -5.57 1.65 8.65
N PHE A 25 -6.47 2.53 8.26
CA PHE A 25 -7.81 2.51 8.80
C PHE A 25 -8.55 1.36 8.15
N ASN A 26 -9.43 0.71 8.91
CA ASN A 26 -10.36 -0.25 8.33
C ASN A 26 -11.52 0.47 7.64
N TRP A 27 -11.53 0.46 6.32
CA TRP A 27 -12.60 1.09 5.55
C TRP A 27 -13.79 0.14 5.33
N HIS A 28 -13.69 -1.09 5.83
CA HIS A 28 -14.83 -2.04 5.76
C HIS A 28 -15.59 -2.14 7.10
N SER A 29 -15.39 -1.20 8.04
CA SER A 29 -16.07 -1.27 9.35
C SER A 29 -17.58 -1.00 9.24
N LYS A 30 -18.37 -1.54 10.17
CA LYS A 30 -19.83 -1.45 10.12
C LYS A 30 -20.37 -0.06 10.48
N GLU A 31 -21.53 0.28 9.91
CA GLU A 31 -22.25 1.51 10.29
C GLU A 31 -22.50 1.51 11.79
N GLY A 32 -22.05 2.57 12.46
CA GLY A 32 -22.30 2.74 13.89
C GLY A 32 -21.16 2.27 14.78
N ASP A 33 -20.27 1.43 14.24
CA ASP A 33 -19.08 1.04 14.98
C ASP A 33 -18.04 2.15 14.94
N PRO A 34 -17.21 2.28 16.00
CA PRO A 34 -16.23 3.37 15.99
C PRO A 34 -15.14 3.11 14.95
N LEU A 35 -14.43 4.16 14.57
CA LEU A 35 -13.39 4.07 13.55
C LEU A 35 -12.12 3.45 14.14
N VAL A 36 -11.52 2.53 13.39
CA VAL A 36 -10.46 1.65 13.86
C VAL A 36 -9.26 1.67 12.90
N PHE A 37 -8.05 1.81 13.44
CA PHE A 37 -6.85 1.67 12.61
C PHE A 37 -5.83 0.67 13.16
N ALA A 38 -5.07 0.08 12.25
CA ALA A 38 -3.96 -0.78 12.60
C ALA A 38 -2.63 -0.07 12.36
N THR A 39 -1.69 -0.22 13.28
CA THR A 39 -0.31 0.21 13.07
C THR A 39 0.58 -1.03 13.01
N VAL A 40 1.59 -1.01 12.13
CA VAL A 40 2.62 -2.09 12.11
C VAL A 40 4.03 -1.55 12.37
N GLY A 41 4.78 -2.28 13.19
CA GLY A 41 6.13 -1.92 13.58
C GLY A 41 6.67 -2.92 14.57
N SER A 42 7.99 -3.02 14.66
CA SER A 42 8.65 -4.05 15.45
C SER A 42 8.15 -5.41 14.92
N ASN A 43 7.89 -6.38 15.81
CA ASN A 43 7.29 -7.63 15.37
C ASN A 43 5.82 -7.70 15.74
N ARG A 44 5.12 -6.58 15.64
CA ARG A 44 3.69 -6.57 16.00
C ARG A 44 2.76 -5.78 15.06
N VAL A 45 1.45 -6.02 15.23
CA VAL A 45 0.41 -5.20 14.65
C VAL A 45 -0.54 -4.85 15.78
N THR A 46 -0.96 -3.59 15.85
CA THR A 46 -1.83 -3.10 16.94
C THR A 46 -3.07 -2.39 16.36
N LEU A 47 -4.21 -2.61 16.99
CA LEU A 47 -5.47 -1.96 16.60
C LEU A 47 -5.87 -0.93 17.65
N TYR A 48 -6.43 0.19 17.20
CA TYR A 48 -6.89 1.26 18.07
C TYR A 48 -8.26 1.75 17.65
N GLU A 49 -9.03 2.24 18.63
CA GLU A 49 -10.33 2.81 18.33
C GLU A 49 -10.31 4.32 18.55
N CYS A 50 -10.87 5.07 17.61
CA CYS A 50 -11.00 6.53 17.74
C CYS A 50 -12.30 6.92 18.45
N HIS A 51 -12.17 7.71 19.52
CA HIS A 51 -13.30 8.20 20.28
C HIS A 51 -13.16 9.70 20.48
N SER A 52 -14.20 10.34 21.00
CA SER A 52 -14.22 11.80 21.04
C SER A 52 -13.17 12.35 22.00
N GLN A 53 -13.00 13.67 21.96
CA GLN A 53 -11.96 14.38 22.72
C GLN A 53 -10.56 13.87 22.38
N GLY A 54 -10.40 13.43 21.14
CA GLY A 54 -9.12 12.97 20.63
C GLY A 54 -8.62 11.63 21.17
N GLU A 55 -9.44 10.92 21.95
CA GLU A 55 -9.00 9.65 22.53
C GLU A 55 -8.66 8.57 21.47
N ILE A 56 -7.54 7.89 21.66
CA ILE A 56 -7.14 6.75 20.83
C ILE A 56 -7.09 5.51 21.73
N ARG A 57 -8.20 4.78 21.78
CA ARG A 57 -8.34 3.62 22.65
C ARG A 57 -7.54 2.40 22.16
N LEU A 58 -6.54 2.02 22.96
CA LEU A 58 -5.72 0.83 22.67
C LEU A 58 -6.53 -0.45 22.81
N LEU A 59 -6.58 -1.25 21.75
CA LEU A 59 -7.34 -2.50 21.78
C LEU A 59 -6.45 -3.71 22.10
N GLN A 60 -5.98 -4.42 21.08
CA GLN A 60 -5.20 -5.63 21.28
C GLN A 60 -4.17 -5.75 20.16
N SER A 61 -3.03 -6.39 20.44
CA SER A 61 -1.99 -6.61 19.43
C SER A 61 -1.84 -8.08 19.05
N TYR A 62 -1.28 -8.31 17.87
CA TYR A 62 -0.76 -9.63 17.50
C TYR A 62 0.75 -9.48 17.46
N VAL A 63 1.45 -10.30 18.24
CA VAL A 63 2.91 -10.31 18.30
C VAL A 63 3.47 -11.62 17.74
N ASP A 64 4.30 -11.51 16.70
CA ASP A 64 4.91 -12.68 16.08
C ASP A 64 5.79 -13.43 17.08
N ALA A 65 5.69 -14.77 17.07
CA ALA A 65 6.54 -15.65 17.89
C ALA A 65 8.04 -15.42 17.67
N ASP A 66 8.42 -15.07 16.45
CA ASP A 66 9.80 -14.73 16.14
C ASP A 66 10.10 -13.30 16.60
N ALA A 67 11.09 -13.17 17.50
CA ALA A 67 11.57 -11.87 17.95
C ALA A 67 12.16 -11.05 16.79
N ASP A 68 12.70 -11.76 15.78
CA ASP A 68 13.37 -11.11 14.64
C ASP A 68 12.48 -10.75 13.46
N GLU A 69 11.18 -11.05 13.53
CA GLU A 69 10.24 -10.58 12.50
C GLU A 69 10.14 -9.06 12.62
N ASN A 70 9.94 -8.40 11.50
CA ASN A 70 9.67 -6.98 11.51
C ASN A 70 8.55 -6.70 10.50
N PHE A 71 7.37 -6.31 11.00
CA PHE A 71 6.26 -6.04 10.09
C PHE A 71 6.42 -4.68 9.42
N TYR A 72 6.12 -4.63 8.13
CA TYR A 72 6.39 -3.44 7.30
C TYR A 72 5.08 -2.85 6.85
N THR A 73 4.10 -3.72 6.64
CA THR A 73 2.92 -3.34 5.89
C THR A 73 1.70 -4.11 6.36
N CYS A 74 0.53 -3.51 6.21
CA CYS A 74 -0.74 -4.22 6.41
C CYS A 74 -1.84 -3.72 5.48
N ALA A 75 -2.85 -4.58 5.28
CA ALA A 75 -4.00 -4.24 4.46
C ALA A 75 -5.26 -4.90 4.97
N TRP A 76 -6.36 -4.16 4.89
CA TRP A 76 -7.66 -4.65 5.32
C TRP A 76 -8.45 -5.26 4.16
N THR A 77 -9.13 -6.34 4.47
CA THR A 77 -10.16 -6.90 3.61
C THR A 77 -11.22 -7.44 4.56
N TYR A 78 -12.12 -8.27 4.05
CA TYR A 78 -13.09 -8.98 4.88
C TYR A 78 -13.31 -10.39 4.31
N ASP A 79 -13.77 -11.31 5.17
CA ASP A 79 -14.14 -12.66 4.76
C ASP A 79 -15.30 -12.53 3.80
N SER A 80 -15.29 -13.30 2.72
CA SER A 80 -16.29 -13.13 1.67
C SER A 80 -17.64 -13.82 1.95
N ASN A 81 -17.64 -14.70 2.95
CA ASN A 81 -18.83 -15.47 3.32
C ASN A 81 -19.52 -14.92 4.56
N THR A 82 -18.74 -14.72 5.62
CA THR A 82 -19.17 -13.96 6.80
C THR A 82 -18.77 -12.55 6.42
N SER A 83 -19.34 -11.51 6.99
CA SER A 83 -18.95 -10.19 6.49
C SER A 83 -17.70 -9.67 7.19
N HIS A 84 -17.05 -10.53 7.95
CA HIS A 84 -16.13 -10.05 8.97
C HIS A 84 -14.80 -9.56 8.43
N PRO A 85 -14.27 -8.47 9.00
CA PRO A 85 -13.03 -7.91 8.48
C PRO A 85 -11.84 -8.80 8.78
N LEU A 86 -10.83 -8.72 7.93
CA LEU A 86 -9.58 -9.44 8.12
C LEU A 86 -8.48 -8.44 7.88
N LEU A 87 -7.36 -8.67 8.53
CA LEU A 87 -6.20 -7.80 8.38
C LEU A 87 -5.00 -8.67 8.00
N ALA A 88 -4.40 -8.37 6.86
CA ALA A 88 -3.17 -9.08 6.49
C ALA A 88 -1.94 -8.25 6.86
N VAL A 89 -0.95 -8.92 7.44
CA VAL A 89 0.34 -8.28 7.75
C VAL A 89 1.53 -9.01 7.13
N ALA A 90 2.59 -8.26 6.85
CA ALA A 90 3.83 -8.85 6.33
C ALA A 90 5.01 -7.94 6.56
N GLY A 91 6.22 -8.50 6.57
CA GLY A 91 7.45 -7.74 6.64
C GLY A 91 8.67 -8.54 6.23
N SER A 92 9.74 -8.42 7.00
CA SER A 92 11.08 -8.93 6.64
C SER A 92 11.22 -10.45 6.45
N ARG A 93 10.46 -11.24 7.20
CA ARG A 93 10.49 -12.70 7.04
C ARG A 93 9.84 -13.21 5.75
N GLY A 94 9.13 -12.33 5.03
CA GLY A 94 8.52 -12.69 3.75
C GLY A 94 7.30 -13.57 3.92
N ILE A 95 6.65 -13.49 5.09
CA ILE A 95 5.49 -14.32 5.43
C ILE A 95 4.24 -13.45 5.63
N ILE A 96 3.18 -13.75 4.89
CA ILE A 96 1.90 -13.07 4.99
C ILE A 96 1.09 -13.75 6.06
N ARG A 97 0.59 -12.95 7.00
CA ARG A 97 -0.29 -13.43 8.06
C ARG A 97 -1.68 -12.80 7.94
N ILE A 98 -2.68 -13.66 7.91
CA ILE A 98 -4.06 -13.23 7.87
C ILE A 98 -4.55 -13.30 9.29
N ILE A 99 -4.95 -12.14 9.80
CA ILE A 99 -5.29 -11.98 11.19
C ILE A 99 -6.75 -11.59 11.36
N ASN A 100 -7.42 -12.32 12.25
CA ASN A 100 -8.73 -11.98 12.74
C ASN A 100 -8.64 -10.76 13.68
N PRO A 101 -9.14 -9.58 13.25
CA PRO A 101 -8.90 -8.36 14.04
C PRO A 101 -9.63 -8.33 15.38
N ILE A 102 -10.70 -9.10 15.50
CA ILE A 102 -11.45 -9.18 16.74
C ILE A 102 -10.60 -9.80 17.87
N THR A 103 -10.08 -11.01 17.65
CA THR A 103 -9.31 -11.77 18.65
C THR A 103 -7.82 -11.64 18.50
N MET A 104 -7.42 -11.16 17.31
CA MET A 104 -6.01 -11.10 16.87
C MET A 104 -5.38 -12.49 16.65
N GLN A 105 -6.24 -13.49 16.48
CA GLN A 105 -5.78 -14.83 16.07
C GLN A 105 -5.26 -14.77 14.64
N CYS A 106 -4.13 -15.41 14.43
CA CYS A 106 -3.61 -15.63 13.08
C CYS A 106 -4.41 -16.80 12.51
N ILE A 107 -5.27 -16.50 11.52
CA ILE A 107 -6.11 -17.53 10.92
C ILE A 107 -5.29 -18.46 10.03
N LYS A 108 -4.38 -17.88 9.24
CA LYS A 108 -3.54 -18.62 8.30
C LYS A 108 -2.37 -17.77 7.80
N HIS A 109 -1.40 -18.41 7.15
CA HIS A 109 -0.26 -17.68 6.59
C HIS A 109 0.19 -18.22 5.23
N TYR A 110 0.89 -17.38 4.47
CA TYR A 110 1.43 -17.78 3.18
C TYR A 110 2.92 -17.54 3.11
N VAL A 111 3.64 -18.58 2.70
CA VAL A 111 5.06 -18.47 2.45
C VAL A 111 5.26 -18.58 0.94
N GLY A 112 6.41 -18.11 0.47
CA GLY A 112 6.78 -18.30 -0.92
C GLY A 112 7.86 -17.32 -1.28
N HIS A 113 7.60 -16.05 -0.98
CA HIS A 113 8.53 -14.97 -1.29
C HIS A 113 9.94 -15.27 -0.73
N GLY A 114 10.95 -14.91 -1.53
CA GLY A 114 12.36 -15.21 -1.26
C GLY A 114 12.97 -14.28 -0.23
N ASN A 115 12.13 -13.38 0.32
CA ASN A 115 12.61 -12.29 1.16
C ASN A 115 11.48 -11.34 1.62
N ALA A 116 11.88 -10.23 2.25
CA ALA A 116 10.96 -9.25 2.80
C ALA A 116 9.81 -8.86 1.86
N ILE A 117 8.62 -8.82 2.42
CA ILE A 117 7.50 -8.20 1.71
C ILE A 117 7.45 -6.72 2.11
N ASN A 118 7.52 -5.85 1.09
CA ASN A 118 7.52 -4.40 1.29
C ASN A 118 6.13 -3.76 1.30
N GLU A 119 5.18 -4.36 0.58
CA GLU A 119 3.80 -3.88 0.59
C GLU A 119 2.74 -4.95 0.29
N LEU A 120 1.54 -4.76 0.84
CA LEU A 120 0.34 -5.51 0.47
C LEU A 120 -0.82 -4.62 0.04
N LYS A 121 -1.59 -5.09 -0.94
CA LYS A 121 -2.77 -4.40 -1.42
C LYS A 121 -3.84 -5.44 -1.71
N PHE A 122 -5.09 -5.11 -1.40
CA PHE A 122 -6.21 -5.93 -1.86
C PHE A 122 -6.85 -5.34 -3.10
N HIS A 123 -7.32 -6.21 -3.98
CA HIS A 123 -8.12 -5.87 -5.15
C HIS A 123 -9.34 -5.02 -4.75
N PRO A 124 -9.66 -3.95 -5.51
CA PRO A 124 -10.78 -3.08 -5.17
C PRO A 124 -12.17 -3.71 -5.35
N ARG A 125 -12.26 -4.78 -6.14
CA ARG A 125 -13.57 -5.43 -6.37
C ARG A 125 -13.70 -6.86 -5.88
N ASP A 126 -12.57 -7.49 -5.55
CA ASP A 126 -12.54 -8.87 -5.06
C ASP A 126 -11.74 -8.95 -3.74
N PRO A 127 -12.43 -9.12 -2.60
CA PRO A 127 -11.80 -9.05 -1.28
C PRO A 127 -10.81 -10.20 -1.00
N ASN A 128 -10.82 -11.22 -1.85
CA ASN A 128 -9.90 -12.36 -1.76
C ASN A 128 -8.55 -12.20 -2.45
N LEU A 129 -8.43 -11.22 -3.34
CA LEU A 129 -7.23 -11.13 -4.18
C LEU A 129 -6.20 -10.20 -3.55
N LEU A 130 -5.12 -10.82 -3.07
CA LEU A 130 -4.14 -10.13 -2.28
C LEU A 130 -2.85 -10.06 -3.07
N LEU A 131 -2.37 -8.82 -3.25
CA LEU A 131 -1.13 -8.58 -3.98
C LEU A 131 0.01 -8.29 -3.01
N SER A 132 1.11 -9.03 -3.13
CA SER A 132 2.31 -8.81 -2.31
C SER A 132 3.48 -8.39 -3.19
N VAL A 133 4.28 -7.44 -2.73
CA VAL A 133 5.47 -7.04 -3.47
C VAL A 133 6.70 -7.29 -2.58
N SER A 134 7.77 -7.80 -3.17
CA SER A 134 8.86 -8.31 -2.35
C SER A 134 10.22 -7.73 -2.66
N LYS A 135 11.14 -7.97 -1.73
CA LYS A 135 12.54 -7.65 -1.87
C LYS A 135 13.23 -8.60 -2.85
N ASP A 136 12.55 -9.68 -3.23
CA ASP A 136 13.10 -10.66 -4.17
C ASP A 136 12.85 -10.27 -5.63
N HIS A 137 12.39 -9.04 -5.85
CA HIS A 137 12.23 -8.50 -7.19
C HIS A 137 10.87 -8.84 -7.80
N ALA A 138 10.05 -9.64 -7.13
CA ALA A 138 8.77 -10.09 -7.69
C ALA A 138 7.51 -9.60 -6.96
N LEU A 139 6.38 -9.58 -7.68
CA LEU A 139 5.04 -9.46 -7.10
C LEU A 139 4.33 -10.79 -7.21
N ARG A 140 3.45 -11.08 -6.25
CA ARG A 140 2.64 -12.29 -6.31
C ARG A 140 1.19 -11.93 -6.04
N LEU A 141 0.30 -12.64 -6.73
CA LEU A 141 -1.12 -12.49 -6.54
C LEU A 141 -1.66 -13.78 -5.92
N TRP A 142 -2.34 -13.63 -4.78
CA TRP A 142 -2.86 -14.75 -3.99
C TRP A 142 -4.40 -14.72 -3.93
N ASN A 143 -5.02 -15.90 -3.95
CA ASN A 143 -6.45 -16.01 -3.69
C ASN A 143 -6.58 -16.54 -2.25
N ILE A 144 -6.92 -15.64 -1.34
CA ILE A 144 -6.95 -15.99 0.08
C ILE A 144 -8.26 -16.65 0.47
N GLN A 145 -9.05 -17.03 -0.53
CA GLN A 145 -10.24 -17.85 -0.27
C GLN A 145 -9.89 -19.32 -0.43
N THR A 146 -9.23 -19.65 -1.53
CA THR A 146 -8.87 -21.04 -1.81
C THR A 146 -7.39 -21.29 -1.51
N ASP A 147 -6.76 -20.28 -0.89
CA ASP A 147 -5.37 -20.35 -0.42
C ASP A 147 -4.38 -20.70 -1.54
N THR A 148 -4.60 -20.11 -2.71
CA THR A 148 -3.83 -20.38 -3.92
C THR A 148 -3.01 -19.18 -4.39
N LEU A 149 -1.80 -19.47 -4.89
CA LEU A 149 -0.96 -18.50 -5.55
C LEU A 149 -1.36 -18.40 -7.01
N VAL A 150 -2.03 -17.31 -7.38
CA VAL A 150 -2.56 -17.20 -8.72
C VAL A 150 -1.45 -16.96 -9.76
N ALA A 151 -0.47 -16.14 -9.39
CA ALA A 151 0.54 -15.69 -10.33
C ALA A 151 1.74 -15.03 -9.63
N ILE A 152 2.91 -15.15 -10.27
CA ILE A 152 4.13 -14.45 -9.94
C ILE A 152 4.40 -13.50 -11.13
N PHE A 153 4.54 -12.22 -10.85
CA PHE A 153 4.95 -11.26 -11.86
C PHE A 153 6.41 -10.94 -11.60
N GLY A 154 7.28 -11.41 -12.50
CA GLY A 154 8.72 -11.29 -12.30
C GLY A 154 9.53 -11.45 -13.58
N GLY A 155 10.60 -12.25 -13.50
CA GLY A 155 11.47 -12.50 -14.65
C GLY A 155 12.39 -11.35 -15.00
N VAL A 156 13.28 -11.60 -15.94
CA VAL A 156 14.34 -10.66 -16.33
C VAL A 156 13.82 -9.28 -16.76
N GLU A 157 12.67 -9.26 -17.44
CA GLU A 157 11.99 -8.01 -17.83
C GLU A 157 11.08 -7.42 -16.76
N GLY A 158 10.86 -8.17 -15.69
CA GLY A 158 10.18 -7.64 -14.50
C GLY A 158 11.19 -6.79 -13.75
N HIS A 159 10.93 -6.51 -12.49
CA HIS A 159 11.87 -5.71 -11.70
C HIS A 159 13.24 -6.41 -11.50
N ARG A 160 14.31 -5.62 -11.64
CA ARG A 160 15.69 -6.08 -11.38
C ARG A 160 16.24 -5.67 -10.00
N ASP A 161 15.36 -5.25 -9.09
CA ASP A 161 15.75 -4.96 -7.69
C ASP A 161 14.45 -4.96 -6.87
N GLU A 162 14.51 -4.60 -5.58
CA GLU A 162 13.35 -4.71 -4.69
C GLU A 162 12.14 -3.98 -5.23
N VAL A 163 11.00 -4.68 -5.25
CA VAL A 163 9.72 -4.02 -5.55
C VAL A 163 9.26 -3.37 -4.25
N LEU A 164 8.97 -2.08 -4.29
CA LEU A 164 8.69 -1.34 -3.06
C LEU A 164 7.21 -1.01 -2.89
N SER A 165 6.51 -0.86 -4.01
CA SER A 165 5.10 -0.50 -3.98
C SER A 165 4.34 -0.97 -5.22
N ALA A 166 3.01 -1.09 -5.09
CA ALA A 166 2.11 -1.38 -6.21
C ALA A 166 0.70 -0.94 -5.89
N ASP A 167 -0.09 -0.74 -6.93
CA ASP A 167 -1.48 -0.34 -6.77
C ASP A 167 -2.33 -0.88 -7.91
N TYR A 168 -3.44 -1.51 -7.55
CA TYR A 168 -4.48 -1.78 -8.51
C TYR A 168 -5.13 -0.47 -8.98
N ASP A 169 -5.55 -0.42 -10.25
CA ASP A 169 -6.47 0.63 -10.73
C ASP A 169 -7.88 0.42 -10.19
N LEU A 170 -8.79 1.32 -10.56
CA LEU A 170 -10.13 1.38 -9.93
C LEU A 170 -10.91 0.07 -10.04
N LEU A 171 -10.91 -0.53 -11.21
CA LEU A 171 -11.67 -1.74 -11.47
C LEU A 171 -10.84 -2.99 -11.23
N GLY A 172 -9.57 -2.82 -10.88
CA GLY A 172 -8.70 -3.96 -10.61
C GLY A 172 -8.34 -4.76 -11.86
N GLU A 173 -8.25 -4.06 -12.98
CA GLU A 173 -7.89 -4.66 -14.25
C GLU A 173 -6.40 -4.65 -14.52
N LYS A 174 -5.69 -3.74 -13.87
CA LYS A 174 -4.24 -3.63 -14.06
C LYS A 174 -3.54 -3.22 -12.77
N ILE A 175 -2.26 -3.55 -12.72
CA ILE A 175 -1.41 -3.23 -11.58
C ILE A 175 -0.29 -2.33 -12.09
N MET A 176 0.07 -1.32 -11.31
CA MET A 176 1.32 -0.59 -11.51
C MET A 176 2.22 -0.80 -10.29
N SER A 177 3.44 -1.23 -10.54
CA SER A 177 4.44 -1.46 -9.50
C SER A 177 5.67 -0.56 -9.68
N CYS A 178 6.40 -0.35 -8.59
CA CYS A 178 7.61 0.45 -8.65
C CYS A 178 8.63 -0.13 -7.68
N GLY A 179 9.91 0.19 -7.89
CA GLY A 179 10.91 -0.26 -6.95
C GLY A 179 12.28 0.36 -7.03
N MET A 180 13.26 -0.38 -6.53
CA MET A 180 14.63 0.09 -6.45
C MET A 180 15.36 0.22 -7.79
N ASP A 181 14.90 -0.46 -8.83
CA ASP A 181 15.52 -0.31 -10.16
C ASP A 181 15.13 1.02 -10.87
N HIS A 182 14.49 1.94 -10.13
CA HIS A 182 14.02 3.26 -10.63
C HIS A 182 12.82 3.19 -11.58
N SER A 183 12.35 1.98 -11.89
CA SER A 183 11.28 1.85 -12.85
C SER A 183 9.88 1.67 -12.25
N LEU A 184 8.88 2.11 -13.01
CA LEU A 184 7.47 1.80 -12.78
C LEU A 184 7.03 0.85 -13.89
N LYS A 185 6.37 -0.25 -13.53
CA LYS A 185 5.94 -1.27 -14.50
C LYS A 185 4.46 -1.63 -14.39
N LEU A 186 3.84 -1.86 -15.55
CA LEU A 186 2.42 -2.14 -15.66
C LEU A 186 2.17 -3.63 -15.95
N TRP A 187 1.19 -4.19 -15.25
CA TRP A 187 0.85 -5.59 -15.47
C TRP A 187 -0.64 -5.67 -15.55
N ARG A 188 -1.16 -6.00 -16.73
CA ARG A 188 -2.59 -6.18 -16.92
C ARG A 188 -3.06 -7.51 -16.34
N ILE A 189 -4.18 -7.48 -15.60
CA ILE A 189 -4.76 -8.72 -15.09
C ILE A 189 -6.15 -9.01 -15.67
N ASN A 190 -6.48 -8.29 -16.73
CA ASN A 190 -7.71 -8.52 -17.47
C ASN A 190 -7.48 -9.22 -18.82
N SER A 191 -6.28 -9.75 -19.04
CA SER A 191 -6.06 -10.62 -20.21
C SER A 191 -6.83 -11.91 -20.00
N LYS A 192 -7.29 -12.52 -21.09
CA LYS A 192 -7.85 -13.87 -21.11
C LYS A 192 -7.11 -14.82 -20.13
N ARG A 193 -5.80 -14.88 -20.29
CA ARG A 193 -4.93 -15.69 -19.45
C ARG A 193 -5.14 -15.43 -17.93
N MET A 194 -5.08 -14.18 -17.51
CA MET A 194 -5.21 -13.85 -16.08
C MET A 194 -6.63 -14.04 -15.51
N MET A 195 -7.65 -13.75 -16.32
CA MET A 195 -9.04 -13.93 -15.90
C MET A 195 -9.35 -15.42 -15.78
N ASN A 196 -8.71 -16.21 -16.65
CA ASN A 196 -8.80 -17.65 -16.61
C ASN A 196 -8.16 -18.20 -15.35
N ALA A 197 -6.97 -17.71 -15.03
CA ALA A 197 -6.22 -18.13 -13.84
C ALA A 197 -6.97 -17.82 -12.55
N ILE A 198 -7.55 -16.62 -12.44
CA ILE A 198 -8.35 -16.25 -11.25
C ILE A 198 -9.56 -17.17 -11.10
N LYS A 199 -10.24 -17.43 -12.22
CA LYS A 199 -11.38 -18.33 -12.24
C LYS A 199 -10.96 -19.73 -11.76
N GLU A 200 -9.88 -20.25 -12.35
CA GLU A 200 -9.32 -21.54 -11.97
C GLU A 200 -8.90 -21.59 -10.51
N SER A 201 -8.37 -20.49 -9.98
CA SER A 201 -8.03 -20.40 -8.56
C SER A 201 -9.26 -20.57 -7.68
N TYR A 202 -10.42 -20.13 -8.17
CA TYR A 202 -11.68 -20.29 -7.41
C TYR A 202 -12.25 -21.70 -7.46
N ASP A 203 -11.95 -22.41 -8.54
CA ASP A 203 -12.43 -23.78 -8.66
C ASP A 203 -11.51 -24.77 -7.97
N TYR A 204 -10.39 -24.28 -7.43
CA TYR A 204 -9.43 -25.17 -6.79
C TYR A 204 -9.75 -25.53 -5.34
N ASN A 205 -9.86 -26.83 -5.12
CA ASN A 205 -10.01 -27.40 -3.80
C ASN A 205 -9.09 -28.61 -3.72
N PRO A 206 -8.02 -28.51 -2.92
CA PRO A 206 -7.01 -29.57 -2.88
C PRO A 206 -7.56 -30.91 -2.37
N ASN A 207 -8.69 -30.87 -1.66
CA ASN A 207 -9.32 -32.09 -1.13
C ASN A 207 -10.10 -32.88 -2.18
N LYS A 208 -10.34 -32.26 -3.33
CA LYS A 208 -11.19 -32.87 -4.34
C LYS A 208 -10.46 -33.12 -5.65
N THR A 209 -9.14 -32.89 -5.64
CA THR A 209 -8.28 -33.13 -6.79
C THR A 209 -6.93 -33.71 -6.38
N ASN A 210 -6.16 -34.12 -7.39
CA ASN A 210 -4.79 -34.62 -7.21
C ASN A 210 -3.70 -33.61 -7.60
N ARG A 211 -4.05 -32.65 -8.43
CA ARG A 211 -3.09 -31.68 -8.92
C ARG A 211 -2.71 -30.62 -7.86
N PRO A 212 -1.47 -30.10 -7.93
CA PRO A 212 -1.20 -28.85 -7.22
C PRO A 212 -1.84 -27.73 -8.05
N PHE A 213 -2.06 -26.56 -7.46
CA PHE A 213 -2.52 -25.44 -8.25
C PHE A 213 -1.32 -24.83 -9.01
N ILE A 214 -1.41 -24.73 -10.33
CA ILE A 214 -0.35 -24.11 -11.13
C ILE A 214 -0.50 -22.58 -11.19
N SER A 215 0.51 -21.88 -10.67
CA SER A 215 0.64 -20.42 -10.80
C SER A 215 0.97 -19.97 -12.21
N GLN A 216 0.51 -18.77 -12.55
CA GLN A 216 1.01 -18.08 -13.74
C GLN A 216 2.39 -17.53 -13.46
N LYS A 217 3.27 -17.65 -14.45
CA LYS A 217 4.53 -16.94 -14.44
C LYS A 217 4.43 -15.83 -15.48
N ILE A 218 4.19 -14.61 -15.01
CA ILE A 218 4.10 -13.45 -15.87
C ILE A 218 5.46 -12.76 -15.87
N HIS A 219 6.17 -12.86 -16.99
CA HIS A 219 7.54 -12.34 -17.07
C HIS A 219 7.71 -11.05 -17.88
N PHE A 220 6.60 -10.52 -18.39
CA PHE A 220 6.66 -9.32 -19.22
C PHE A 220 5.61 -8.29 -18.83
N PRO A 221 6.07 -7.09 -18.41
CA PRO A 221 5.13 -6.01 -18.12
C PRO A 221 4.49 -5.50 -19.41
N ASP A 222 3.31 -4.90 -19.29
CA ASP A 222 2.59 -4.36 -20.43
C ASP A 222 3.01 -2.92 -20.75
N PHE A 223 3.89 -2.39 -19.90
CA PHE A 223 4.51 -1.08 -20.06
C PHE A 223 5.60 -0.96 -19.00
N SER A 224 6.66 -0.23 -19.32
CA SER A 224 7.74 0.05 -18.39
C SER A 224 8.39 1.41 -18.67
N THR A 225 8.78 2.11 -17.61
CA THR A 225 9.46 3.40 -17.72
C THR A 225 10.47 3.59 -16.58
N ARG A 226 11.61 4.17 -16.92
CA ARG A 226 12.62 4.54 -15.94
C ARG A 226 12.82 6.06 -16.03
N ASP A 227 11.85 6.72 -16.68
CA ASP A 227 11.89 8.13 -17.06
C ASP A 227 11.21 9.10 -16.10
N ILE A 228 10.66 8.61 -15.00
CA ILE A 228 9.92 9.47 -14.08
C ILE A 228 10.80 9.98 -12.96
N HIS A 229 11.56 9.07 -12.34
CA HIS A 229 12.41 9.37 -11.19
C HIS A 229 13.86 8.95 -11.49
N ARG A 230 14.81 9.47 -10.71
CA ARG A 230 16.24 9.13 -10.87
C ARG A 230 16.78 8.42 -9.62
N ASN A 231 15.88 7.86 -8.81
CA ASN A 231 16.23 7.07 -7.64
C ASN A 231 15.13 6.07 -7.30
N TYR A 232 15.26 5.39 -6.15
CA TYR A 232 14.27 4.38 -5.70
C TYR A 232 12.83 4.92 -5.70
N VAL A 233 11.96 4.29 -6.47
CA VAL A 233 10.54 4.65 -6.49
C VAL A 233 9.81 3.82 -5.43
N ASP A 234 9.41 4.51 -4.35
CA ASP A 234 8.97 3.83 -3.13
C ASP A 234 7.48 3.91 -2.83
N CYS A 235 6.70 4.49 -3.74
CA CYS A 235 5.26 4.58 -3.54
C CYS A 235 4.53 4.91 -4.84
N VAL A 236 3.48 4.14 -5.18
CA VAL A 236 2.68 4.39 -6.40
C VAL A 236 1.16 4.28 -6.19
N ARG A 237 0.39 5.12 -6.86
CA ARG A 237 -1.07 5.10 -6.75
C ARG A 237 -1.70 5.49 -8.09
N TRP A 238 -2.73 4.77 -8.52
CA TRP A 238 -3.54 5.23 -9.64
C TRP A 238 -4.37 6.46 -9.26
N LEU A 239 -4.48 7.41 -10.20
CA LEU A 239 -5.48 8.47 -10.12
C LEU A 239 -6.30 8.48 -11.41
N GLY A 240 -7.32 7.62 -11.46
CA GLY A 240 -8.02 7.35 -12.72
C GLY A 240 -7.07 6.59 -13.65
N ASP A 241 -6.87 7.12 -14.85
CA ASP A 241 -5.89 6.56 -15.77
C ASP A 241 -4.48 7.13 -15.57
N LEU A 242 -4.36 8.19 -14.75
CA LEU A 242 -3.07 8.78 -14.44
C LEU A 242 -2.38 8.08 -13.26
N ILE A 243 -1.07 8.26 -13.17
CA ILE A 243 -0.26 7.71 -12.07
C ILE A 243 0.25 8.80 -11.13
N LEU A 244 0.20 8.53 -9.83
CA LEU A 244 0.99 9.30 -8.86
C LEU A 244 2.08 8.42 -8.29
N SER A 245 3.33 8.88 -8.33
CA SER A 245 4.44 8.12 -7.79
C SER A 245 5.52 9.02 -7.22
N LYS A 246 6.25 8.51 -6.23
CA LYS A 246 7.35 9.28 -5.65
C LYS A 246 8.62 8.47 -5.53
N SER A 247 9.73 9.18 -5.59
CA SER A 247 11.01 8.63 -5.20
C SER A 247 11.42 9.35 -3.93
N CYS A 248 12.71 9.33 -3.61
CA CYS A 248 13.23 10.06 -2.45
C CYS A 248 13.84 11.41 -2.89
N GLU A 249 13.22 12.04 -3.88
CA GLU A 249 13.74 13.28 -4.43
C GLU A 249 12.83 14.48 -4.11
N ASN A 250 12.07 14.36 -3.01
CA ASN A 250 11.14 15.41 -2.53
C ASN A 250 10.14 15.84 -3.59
N ALA A 251 9.57 14.86 -4.29
CA ALA A 251 8.58 15.14 -5.33
C ALA A 251 7.65 13.94 -5.52
N ILE A 252 6.38 14.25 -5.79
CA ILE A 252 5.38 13.29 -6.26
C ILE A 252 5.05 13.69 -7.70
N VAL A 253 5.35 12.82 -8.66
CA VAL A 253 5.06 13.12 -10.05
C VAL A 253 3.69 12.55 -10.45
N CYS A 254 2.91 13.35 -11.19
CA CYS A 254 1.69 12.88 -11.81
C CYS A 254 1.95 12.73 -13.29
N TRP A 255 1.69 11.55 -13.81
CA TRP A 255 2.13 11.22 -15.15
C TRP A 255 1.28 10.11 -15.76
N LYS A 256 1.44 9.91 -17.08
CA LYS A 256 0.80 8.80 -17.77
C LYS A 256 1.75 8.19 -18.79
N PRO A 257 1.61 6.89 -19.08
CA PRO A 257 2.30 6.26 -20.21
C PRO A 257 1.87 6.84 -21.56
N GLY A 258 2.77 6.84 -22.53
CA GLY A 258 2.45 7.35 -23.87
C GLY A 258 2.33 8.87 -23.93
N LYS A 259 1.78 9.38 -25.03
CA LYS A 259 1.66 10.82 -25.26
C LYS A 259 0.34 11.34 -24.68
N MET A 260 0.19 12.67 -24.65
CA MET A 260 -0.96 13.32 -24.02
C MET A 260 -2.31 12.66 -24.34
N GLU A 261 -2.56 12.35 -25.61
CA GLU A 261 -3.85 11.85 -26.03
C GLU A 261 -3.98 10.33 -25.98
N ASP A 262 -2.89 9.62 -25.68
CA ASP A 262 -2.91 8.14 -25.70
C ASP A 262 -3.83 7.50 -24.66
N ASP A 263 -4.70 6.61 -25.12
CA ASP A 263 -5.56 5.78 -24.25
C ASP A 263 -4.71 4.73 -23.50
N ILE A 264 -4.87 4.66 -22.18
CA ILE A 264 -4.12 3.69 -21.33
C ILE A 264 -4.30 2.22 -21.74
N ASP A 265 -5.49 1.88 -22.25
CA ASP A 265 -5.74 0.51 -22.68
C ASP A 265 -5.28 0.19 -24.10
N LYS A 266 -4.75 1.20 -24.79
CA LYS A 266 -4.14 1.02 -26.11
C LYS A 266 -2.60 1.13 -26.06
N ILE A 267 -2.06 1.24 -24.84
CA ILE A 267 -0.61 1.31 -24.63
C ILE A 267 0.01 -0.08 -24.83
N LYS A 268 1.05 -0.14 -25.66
CA LYS A 268 1.72 -1.40 -25.94
C LYS A 268 3.06 -1.47 -25.18
N PRO A 269 3.55 -2.70 -24.89
CA PRO A 269 4.79 -2.91 -24.13
C PRO A 269 6.02 -2.21 -24.69
N SER A 270 6.06 -1.97 -26.00
CA SER A 270 7.14 -1.22 -26.62
C SER A 270 7.10 0.29 -26.31
N GLU A 271 6.02 0.77 -25.67
CA GLU A 271 5.82 2.22 -25.45
C GLU A 271 7.01 2.91 -24.76
N SER A 272 7.39 4.05 -25.34
CA SER A 272 8.69 4.64 -25.16
C SER A 272 8.56 6.01 -24.49
N ASN A 273 7.37 6.60 -24.62
CA ASN A 273 7.08 7.90 -24.04
C ASN A 273 6.24 7.84 -22.77
N VAL A 274 6.37 8.92 -21.99
CA VAL A 274 5.52 9.21 -20.84
C VAL A 274 5.17 10.68 -20.93
N THR A 275 4.09 11.08 -20.27
CA THR A 275 3.67 12.48 -20.27
C THR A 275 3.55 12.94 -18.82
N ILE A 276 4.25 14.03 -18.49
CA ILE A 276 4.26 14.58 -17.15
C ILE A 276 3.20 15.64 -17.06
N LEU A 277 2.24 15.44 -16.16
CA LEU A 277 1.09 16.34 -15.99
C LEU A 277 1.19 17.27 -14.77
N GLY A 278 2.22 17.07 -13.95
CA GLY A 278 2.43 17.89 -12.75
C GLY A 278 3.40 17.24 -11.79
N ARG A 279 3.94 18.05 -10.88
CA ARG A 279 4.82 17.54 -9.83
C ARG A 279 4.61 18.35 -8.55
N PHE A 280 4.37 17.64 -7.45
CA PHE A 280 4.13 18.27 -6.15
C PHE A 280 5.42 18.18 -5.30
N ASP A 281 6.07 19.33 -5.11
CA ASP A 281 7.32 19.39 -4.38
C ASP A 281 7.09 19.63 -2.89
N TYR A 282 8.08 19.23 -2.10
CA TYR A 282 8.05 19.33 -0.65
C TYR A 282 9.51 19.23 -0.15
N SER A 283 9.72 19.27 1.15
CA SER A 283 11.08 19.33 1.71
C SER A 283 11.41 18.14 2.59
N GLN A 284 12.69 17.77 2.63
CA GLN A 284 13.24 16.90 3.68
C GLN A 284 12.54 15.55 3.73
N CYS A 285 12.57 14.87 2.59
CA CYS A 285 12.02 13.54 2.48
C CYS A 285 12.92 12.78 1.50
N ASP A 286 14.21 12.71 1.82
CA ASP A 286 15.13 12.04 0.92
C ASP A 286 15.54 10.66 1.41
N ILE A 287 14.88 10.19 2.49
CA ILE A 287 15.04 8.79 2.84
C ILE A 287 13.99 7.99 2.06
N TRP A 288 14.27 6.71 1.77
CA TRP A 288 13.29 5.87 1.08
C TRP A 288 12.39 5.12 2.05
N TYR A 289 11.30 4.58 1.51
CA TYR A 289 10.22 3.94 2.26
C TYR A 289 9.39 4.98 3.03
N MET A 290 8.84 5.91 2.26
CA MET A 290 8.03 7.00 2.79
C MET A 290 6.78 7.06 1.94
N ARG A 291 5.66 6.62 2.49
CA ARG A 291 4.47 6.44 1.69
C ARG A 291 3.40 7.50 1.90
N PHE A 292 2.94 8.09 0.80
CA PHE A 292 1.77 8.94 0.85
C PHE A 292 0.50 8.07 0.82
N SER A 293 -0.64 8.66 1.16
CA SER A 293 -1.89 7.95 1.03
C SER A 293 -2.95 8.87 0.49
N THR A 294 -4.09 8.30 0.09
CA THR A 294 -5.24 9.12 -0.33
C THR A 294 -6.46 8.70 0.44
N ASP A 295 -7.46 9.57 0.50
CA ASP A 295 -8.72 9.27 1.18
C ASP A 295 -9.46 8.27 0.30
N PHE A 296 -10.65 7.86 0.74
CA PHE A 296 -11.46 6.89 -0.01
C PHE A 296 -11.87 7.39 -1.40
N TRP A 297 -12.29 8.66 -1.47
CA TRP A 297 -12.75 9.25 -2.71
C TRP A 297 -11.64 9.67 -3.66
N GLN A 298 -10.41 9.77 -3.16
CA GLN A 298 -9.28 10.37 -3.88
C GLN A 298 -9.48 11.87 -4.16
N LYS A 299 -10.05 12.58 -3.18
CA LYS A 299 -10.12 14.05 -3.16
C LYS A 299 -8.86 14.69 -2.58
N MET A 300 -8.13 13.94 -1.74
CA MET A 300 -6.93 14.45 -1.11
C MET A 300 -5.77 13.47 -1.06
N LEU A 301 -4.61 14.01 -0.70
CA LEU A 301 -3.36 13.27 -0.75
C LEU A 301 -2.53 13.74 0.43
N ALA A 302 -2.06 12.79 1.24
CA ALA A 302 -1.31 13.11 2.45
C ALA A 302 0.06 12.46 2.42
N LEU A 303 1.09 13.22 2.78
CA LEU A 303 2.46 12.69 2.88
C LEU A 303 3.16 13.31 4.06
N GLY A 304 3.76 12.48 4.91
CA GLY A 304 4.65 12.99 5.93
C GLY A 304 6.10 12.97 5.47
N ASN A 305 6.93 13.85 6.03
CA ASN A 305 8.38 13.86 5.73
C ASN A 305 9.28 13.36 6.88
N GLN A 306 10.59 13.54 6.76
CA GLN A 306 11.53 12.91 7.69
C GLN A 306 11.75 13.68 9.03
N VAL A 307 11.20 14.89 9.13
CA VAL A 307 11.31 15.69 10.36
C VAL A 307 9.93 16.01 10.95
N GLY A 308 8.94 15.17 10.64
CA GLY A 308 7.62 15.29 11.26
C GLY A 308 6.61 16.26 10.68
N LYS A 309 6.89 16.85 9.51
CA LYS A 309 5.93 17.71 8.80
C LYS A 309 4.96 16.90 7.93
N LEU A 310 3.70 17.35 7.85
CA LEU A 310 2.67 16.73 6.99
C LEU A 310 2.21 17.64 5.84
N TYR A 311 2.07 17.04 4.66
CA TYR A 311 1.61 17.75 3.47
C TYR A 311 0.31 17.11 3.02
N VAL A 312 -0.73 17.94 2.86
CA VAL A 312 -2.01 17.48 2.33
C VAL A 312 -2.32 18.27 1.05
N TRP A 313 -2.59 17.54 -0.03
CA TRP A 313 -2.94 18.12 -1.32
C TRP A 313 -4.42 17.93 -1.66
N ASP A 314 -5.11 19.04 -1.89
CA ASP A 314 -6.49 19.05 -2.35
C ASP A 314 -6.49 18.74 -3.85
N LEU A 315 -6.92 17.53 -4.20
CA LEU A 315 -6.91 17.08 -5.60
C LEU A 315 -8.19 17.40 -6.34
N GLU A 316 -9.11 18.05 -5.64
CA GLU A 316 -10.42 18.42 -6.18
C GLU A 316 -10.31 19.71 -6.99
N VAL A 317 -9.53 19.61 -8.06
CA VAL A 317 -9.22 20.71 -8.97
C VAL A 317 -9.24 20.10 -10.37
N GLU A 318 -9.28 20.89 -11.44
CA GLU A 318 -9.55 20.32 -12.75
C GLU A 318 -8.37 19.73 -13.51
N ASP A 319 -7.16 20.08 -13.10
CA ASP A 319 -5.98 19.42 -13.64
C ASP A 319 -5.03 19.13 -12.49
N PRO A 320 -4.24 18.04 -12.60
CA PRO A 320 -3.40 17.64 -11.46
C PRO A 320 -2.44 18.72 -10.94
N HIS A 321 -1.88 19.54 -11.85
CA HIS A 321 -0.91 20.59 -11.44
C HIS A 321 -1.57 21.74 -10.65
N LYS A 322 -2.90 21.74 -10.60
CA LYS A 322 -3.62 22.79 -9.90
C LYS A 322 -3.92 22.42 -8.44
N ALA A 323 -3.38 21.28 -8.00
CA ALA A 323 -3.57 20.78 -6.64
C ALA A 323 -3.22 21.83 -5.59
N LYS A 324 -4.07 21.97 -4.57
CA LYS A 324 -3.88 22.94 -3.49
C LYS A 324 -3.21 22.29 -2.30
N CYS A 325 -1.98 22.72 -1.98
CA CYS A 325 -1.25 22.15 -0.87
C CYS A 325 -1.54 22.88 0.45
N THR A 326 -1.53 22.12 1.52
CA THR A 326 -1.57 22.71 2.86
C THR A 326 -0.69 21.93 3.80
N THR A 327 -0.25 22.54 4.88
CA THR A 327 0.69 21.85 5.78
C THR A 327 0.23 21.77 7.24
N LEU A 328 0.68 20.71 7.91
CA LEU A 328 0.34 20.46 9.30
C LEU A 328 1.60 20.13 10.12
N THR A 329 1.87 20.94 11.13
CA THR A 329 3.04 20.78 11.98
C THR A 329 2.63 20.78 13.45
N HIS A 330 3.48 20.20 14.29
CA HIS A 330 3.33 20.24 15.74
C HIS A 330 4.73 20.25 16.33
N HIS A 331 4.97 21.14 17.30
CA HIS A 331 6.34 21.30 17.83
C HIS A 331 6.91 20.03 18.49
N LYS A 332 6.04 19.11 18.91
CA LYS A 332 6.45 17.87 19.58
C LYS A 332 6.63 16.70 18.61
N CYS A 333 6.34 16.96 17.33
CA CYS A 333 6.37 15.93 16.29
C CYS A 333 7.56 16.17 15.38
N GLY A 334 8.69 15.53 15.68
CA GLY A 334 9.93 15.79 14.94
C GLY A 334 10.59 14.57 14.35
N ALA A 335 9.98 13.40 14.52
CA ALA A 335 10.50 12.15 13.98
C ALA A 335 9.82 11.84 12.65
N ALA A 336 10.45 10.97 11.86
CA ALA A 336 10.01 10.70 10.49
C ALA A 336 8.65 10.00 10.40
N ILE A 337 7.78 10.50 9.53
CA ILE A 337 6.48 9.88 9.27
C ILE A 337 6.60 8.89 8.08
N ARG A 338 6.28 7.63 8.31
CA ARG A 338 6.46 6.58 7.29
C ARG A 338 5.24 6.46 6.40
N GLN A 339 4.10 6.79 7.00
CA GLN A 339 2.84 6.60 6.33
C GLN A 339 1.74 7.39 7.02
N THR A 340 0.71 7.70 6.23
CA THR A 340 -0.52 8.37 6.67
C THR A 340 -1.74 7.50 6.36
N SER A 341 -2.87 7.74 7.02
CA SER A 341 -4.12 7.05 6.66
C SER A 341 -5.31 7.94 7.05
N PHE A 342 -6.27 8.08 6.14
CA PHE A 342 -7.53 8.76 6.41
C PHE A 342 -8.58 7.75 6.85
N SER A 343 -9.46 8.14 7.76
CA SER A 343 -10.68 7.36 8.01
C SER A 343 -11.46 7.32 6.70
N ARG A 344 -12.42 6.42 6.58
CA ARG A 344 -13.22 6.33 5.35
C ARG A 344 -13.93 7.63 4.98
N ASP A 345 -14.43 8.37 5.97
CA ASP A 345 -15.16 9.62 5.75
C ASP A 345 -14.24 10.85 5.75
N SER A 346 -12.94 10.61 5.93
CA SER A 346 -11.90 11.63 5.93
C SER A 346 -12.00 12.68 7.07
N SER A 347 -12.65 12.33 8.18
CA SER A 347 -12.71 13.25 9.32
C SER A 347 -11.44 13.17 10.18
N ILE A 348 -10.72 12.05 10.06
CA ILE A 348 -9.49 11.81 10.80
C ILE A 348 -8.34 11.40 9.89
N LEU A 349 -7.17 11.99 10.16
CA LEU A 349 -5.91 11.63 9.50
C LEU A 349 -4.91 11.17 10.56
N ILE A 350 -4.31 9.99 10.36
CA ILE A 350 -3.34 9.43 11.29
C ILE A 350 -1.96 9.36 10.65
N ALA A 351 -0.93 9.80 11.39
CA ALA A 351 0.47 9.70 10.95
C ALA A 351 1.27 8.85 11.95
N VAL A 352 2.15 8.01 11.43
CA VAL A 352 2.97 7.13 12.30
C VAL A 352 4.47 7.25 12.01
N CYS A 353 5.27 7.18 13.08
CA CYS A 353 6.64 7.66 13.05
C CYS A 353 7.71 6.64 13.40
N ASP A 354 8.95 6.99 13.07
CA ASP A 354 10.13 6.19 13.36
C ASP A 354 10.47 6.04 14.84
N ASP A 355 9.92 6.92 15.67
CA ASP A 355 10.14 6.86 17.12
C ASP A 355 8.97 6.16 17.80
N ALA A 356 8.18 5.43 17.01
CA ALA A 356 6.96 4.70 17.45
C ALA A 356 5.77 5.57 17.87
N SER A 357 5.77 6.85 17.50
CA SER A 357 4.65 7.73 17.87
C SER A 357 3.53 7.70 16.85
N ILE A 358 2.31 7.95 17.35
CA ILE A 358 1.09 7.94 16.56
C ILE A 358 0.46 9.31 16.72
N TRP A 359 0.21 10.00 15.62
CA TRP A 359 -0.35 11.37 15.66
C TRP A 359 -1.74 11.41 15.04
N ARG A 360 -2.71 11.95 15.76
CA ARG A 360 -4.09 12.01 15.29
C ARG A 360 -4.51 13.44 14.95
N TRP A 361 -4.93 13.63 13.69
CA TRP A 361 -5.42 14.92 13.20
C TRP A 361 -6.91 14.84 12.81
N ASP A 362 -7.73 15.72 13.40
CA ASP A 362 -9.19 15.75 13.13
C ASP A 362 -9.55 16.97 12.33
N ARG A 363 -10.56 16.85 11.48
CA ARG A 363 -11.01 18.01 10.73
C ARG A 363 -11.86 19.04 11.50
N ALA B 4 21.04 5.94 -1.33
CA ALA B 4 19.83 6.34 -0.56
C ALA B 4 19.69 5.53 0.73
N ARG B 5 19.53 6.23 1.86
CA ARG B 5 19.37 5.61 3.17
C ARG B 5 17.89 5.38 3.49
N SER B 7 16.92 5.39 6.69
CA SER B 7 16.75 6.36 7.79
C SER B 7 17.98 7.28 7.94
N THR B 8 17.79 8.40 8.65
CA THR B 8 18.90 9.33 8.95
C THR B 8 19.87 8.81 10.00
#